data_9Q03
#
_entry.id   9Q03
#
_cell.length_a   1.00
_cell.length_b   1.00
_cell.length_c   1.00
_cell.angle_alpha   90.00
_cell.angle_beta   90.00
_cell.angle_gamma   90.00
#
_symmetry.space_group_name_H-M   'P 1'
#
loop_
_entity.id
_entity.type
_entity.pdbx_description
1 polymer 'B-cell lymphoma 6 protein'
2 polymer 'Protein cereblon'
3 non-polymer 'ZINC ION'
4 non-polymer (3R)-3-(6-{4-[(5-chloro-4-{[3-(3-hydroxy-3-methylbutyl)-1-methyl-2-oxo-2,3-dihydro-1H-1,3-benzimidazol-5-yl]amino}pyrimidin-2-yl)(methyl)amino]piperidin-1-yl}-1-methyl-1H-indazol-3-yl)piperidine-2,6-dione
#
loop_
_entity_poly.entity_id
_entity_poly.type
_entity_poly.pdbx_seq_one_letter_code
_entity_poly.pdbx_strand_id
1 'polypeptide(L)'
;GSLDYKDDDDKENLYFQGADSCIQFTRHASDVLLNLNRLRSRDILTDVVIVVSREQFRAHKTVLMACSGLFYSIFTDQLK
CNLSVINLDPEINPEGFCILLDFMYTSRLNLREGNIMAVMATAMYLQMEHVVDTCRKFIKASE
;
A,B
2 'polypeptide(L)'
;MSYYHHHHHHDYDIPTTGLVPRGSMMAGEGDQQDAAHNMGNHLPLLPAESEEEDEMEVEDQDSKEAKKPNIINFDTSLPT
SHTYLGADMEEFHGRTLHDDDSCQVIPVLPQVMMILIPGQTLPLQLFHPQEVSMVRNLIQKDRTFAVLAYSNVQEREAQF
GTTAEIYAYREEQDFGIEIVKVKAIGRQRFKVLELRTQSDGIQQAKVQILPECVLPSTMSAVQLESLNKCQIFPSKPVSR
EDQCSYKWWQKYQKRKFHCANLTSWPRWLYSLYDAETLMDRIKKQLREWDENLKDDSLPSNPIDFSYRVAACLPIDDVLR
IQLLKIGSAIQRLRCELDIMNKCTSLCCKQCQETEITTKNEIFSLSLCGPMAAYVNPHGYVHETLTVYKACNLNLIGRPS
TEHSWFPGYAWTVAQCKICASHIGWKFTATKKDMSPQKFWGLTRSALLPTIPDTEDEISPDKVILCL
;
C
#
# COMPACT_ATOMS: atom_id res chain seq x y z
N CYS A 22 0.94 10.63 -23.78
CA CYS A 22 2.03 9.63 -23.54
C CYS A 22 1.66 8.29 -24.17
N ILE A 23 2.67 7.46 -24.43
CA ILE A 23 2.49 6.16 -25.03
C ILE A 23 3.25 5.12 -24.22
N GLN A 24 3.03 3.86 -24.55
CA GLN A 24 3.56 2.74 -23.78
C GLN A 24 4.12 1.69 -24.72
N PHE A 25 5.22 1.07 -24.31
CA PHE A 25 5.86 -0.03 -25.03
C PHE A 25 5.78 -1.26 -24.14
N THR A 26 4.75 -2.08 -24.36
CA THR A 26 4.49 -3.23 -23.51
C THR A 26 5.53 -4.32 -23.69
N ARG A 27 6.42 -4.21 -24.66
CA ARG A 27 7.48 -5.18 -24.86
C ARG A 27 8.86 -4.68 -24.45
N HIS A 28 9.03 -3.38 -24.19
CA HIS A 28 10.36 -2.87 -23.88
C HIS A 28 10.92 -3.51 -22.62
N ALA A 29 10.09 -3.71 -21.60
CA ALA A 29 10.55 -4.34 -20.38
C ALA A 29 11.05 -5.75 -20.65
N SER A 30 10.30 -6.51 -21.44
CA SER A 30 10.74 -7.86 -21.78
C SER A 30 12.04 -7.82 -22.58
N ASP A 31 12.20 -6.82 -23.45
CA ASP A 31 13.44 -6.70 -24.20
C ASP A 31 14.62 -6.43 -23.28
N VAL A 32 14.42 -5.56 -22.29
CA VAL A 32 15.48 -5.27 -21.32
C VAL A 32 15.84 -6.52 -20.54
N LEU A 33 14.82 -7.26 -20.10
CA LEU A 33 15.10 -8.50 -19.38
C LEU A 33 15.84 -9.49 -20.26
N LEU A 34 15.47 -9.56 -21.53
CA LEU A 34 16.15 -10.46 -22.46
C LEU A 34 17.61 -10.06 -22.63
N ASN A 35 17.88 -8.76 -22.75
CA ASN A 35 19.26 -8.30 -22.86
C ASN A 35 20.04 -8.62 -21.59
N LEU A 36 19.42 -8.43 -20.43
CA LEU A 36 20.09 -8.75 -19.17
C LEU A 36 20.40 -10.24 -19.07
N ASN A 37 19.44 -11.09 -19.47
CA ASN A 37 19.69 -12.53 -19.47
C ASN A 37 20.77 -12.89 -20.47
N ARG A 38 20.81 -12.19 -21.62
CA ARG A 38 21.86 -12.40 -22.60
C ARG A 38 23.23 -12.08 -22.02
N LEU A 39 23.32 -10.99 -21.27
CA LEU A 39 24.57 -10.66 -20.60
C LEU A 39 24.91 -11.70 -19.55
N ARG A 40 23.90 -12.17 -18.80
CA ARG A 40 24.15 -13.18 -17.77
C ARG A 40 24.70 -14.46 -18.38
N SER A 41 24.12 -14.88 -19.50
CA SER A 41 24.58 -16.10 -20.17
C SER A 41 26.03 -16.00 -20.60
N ARG A 42 26.54 -14.80 -20.78
CA ARG A 42 27.93 -14.58 -21.16
C ARG A 42 28.78 -14.04 -20.01
N ASP A 43 28.20 -13.89 -18.82
CA ASP A 43 28.92 -13.46 -17.63
C ASP A 43 29.60 -12.12 -17.87
N ILE A 44 28.78 -11.12 -18.21
CA ILE A 44 29.26 -9.77 -18.53
C ILE A 44 28.69 -8.81 -17.49
N LEU A 45 29.58 -8.06 -16.84
CA LEU A 45 29.25 -7.11 -15.79
C LEU A 45 28.62 -7.77 -14.58
N THR A 46 28.57 -9.09 -14.51
CA THR A 46 28.10 -9.78 -13.32
C THR A 46 29.06 -9.50 -12.18
N ASP A 47 28.53 -9.14 -11.02
CA ASP A 47 29.34 -8.65 -9.92
C ASP A 47 29.18 -9.42 -8.62
N VAL A 48 28.28 -10.41 -8.57
CA VAL A 48 28.08 -11.18 -7.34
C VAL A 48 27.95 -12.66 -7.69
N VAL A 49 28.33 -13.50 -6.74
CA VAL A 49 28.18 -14.95 -6.85
C VAL A 49 27.50 -15.46 -5.58
N ILE A 50 26.45 -16.24 -5.77
CA ILE A 50 25.67 -16.83 -4.69
C ILE A 50 26.01 -18.31 -4.60
N VAL A 51 26.26 -18.78 -3.39
CA VAL A 51 26.57 -20.19 -3.13
C VAL A 51 25.34 -20.83 -2.49
N VAL A 52 24.72 -21.76 -3.22
CA VAL A 52 23.57 -22.51 -2.75
C VAL A 52 23.87 -23.98 -2.91
N SER A 53 23.76 -24.74 -1.82
CA SER A 53 24.02 -26.18 -1.84
C SER A 53 25.37 -26.48 -2.50
N ARG A 54 26.40 -25.73 -2.09
CA ARG A 54 27.76 -25.93 -2.58
C ARG A 54 27.87 -25.74 -4.08
N GLU A 55 26.99 -24.93 -4.67
CA GLU A 55 26.99 -24.64 -6.10
C GLU A 55 26.93 -23.13 -6.30
N GLN A 56 27.63 -22.64 -7.31
CA GLN A 56 27.81 -21.20 -7.51
C GLN A 56 26.96 -20.70 -8.67
N PHE A 57 26.34 -19.53 -8.48
CA PHE A 57 25.54 -18.88 -9.50
C PHE A 57 25.91 -17.41 -9.52
N ARG A 58 26.41 -16.91 -10.64
CA ARG A 58 26.86 -15.53 -10.75
C ARG A 58 25.79 -14.67 -11.42
N ALA A 59 25.62 -13.46 -10.90
CA ALA A 59 24.58 -12.54 -11.38
C ALA A 59 24.94 -11.13 -10.93
N HIS A 60 24.02 -10.19 -11.18
CA HIS A 60 24.16 -8.79 -10.80
C HIS A 60 23.36 -8.54 -9.53
N LYS A 61 23.93 -7.75 -8.62
CA LYS A 61 23.24 -7.45 -7.37
C LYS A 61 21.95 -6.67 -7.63
N THR A 62 21.99 -5.75 -8.59
CA THR A 62 20.84 -4.89 -8.83
C THR A 62 19.61 -5.69 -9.21
N VAL A 63 19.77 -6.69 -10.08
CA VAL A 63 18.62 -7.51 -10.46
C VAL A 63 18.14 -8.31 -9.26
N LEU A 64 19.07 -8.86 -8.48
CA LEU A 64 18.68 -9.67 -7.34
C LEU A 64 17.85 -8.87 -6.34
N MET A 65 18.30 -7.66 -6.01
CA MET A 65 17.58 -6.86 -5.04
C MET A 65 16.28 -6.29 -5.61
N ALA A 66 16.12 -6.32 -6.93
CA ALA A 66 14.85 -5.92 -7.53
C ALA A 66 13.81 -7.02 -7.49
N CYS A 67 14.21 -8.26 -7.21
CA CYS A 67 13.30 -9.40 -7.23
C CYS A 67 13.18 -10.09 -5.88
N SER A 68 14.06 -9.82 -4.92
CA SER A 68 14.06 -10.53 -3.64
C SER A 68 14.23 -9.54 -2.51
N GLY A 69 13.36 -9.64 -1.50
CA GLY A 69 13.52 -8.82 -0.31
C GLY A 69 14.76 -9.18 0.48
N LEU A 70 15.12 -10.47 0.51
CA LEU A 70 16.32 -10.87 1.23
C LEU A 70 17.55 -10.18 0.65
N PHE A 71 17.73 -10.27 -0.67
CA PHE A 71 18.86 -9.61 -1.30
C PHE A 71 18.73 -8.09 -1.17
N TYR A 72 17.50 -7.57 -1.16
CA TYR A 72 17.32 -6.14 -0.94
C TYR A 72 17.89 -5.72 0.40
N SER A 73 17.57 -6.46 1.46
CA SER A 73 18.12 -6.16 2.78
C SER A 73 19.63 -6.33 2.79
N ILE A 74 20.13 -7.39 2.15
CA ILE A 74 21.57 -7.65 2.18
C ILE A 74 22.34 -6.53 1.49
N PHE A 75 21.90 -6.11 0.32
CA PHE A 75 22.62 -5.14 -0.49
C PHE A 75 22.26 -3.70 -0.16
N THR A 76 21.23 -3.46 0.65
CA THR A 76 21.01 -2.14 1.22
C THR A 76 21.75 -1.95 2.53
N ASP A 77 22.35 -3.00 3.07
CA ASP A 77 23.19 -2.89 4.25
C ASP A 77 24.58 -2.42 3.85
N GLN A 78 24.98 -1.24 4.33
CA GLN A 78 26.21 -0.62 3.86
C GLN A 78 27.44 -1.48 4.14
N LEU A 79 27.36 -2.41 5.08
CA LEU A 79 28.49 -3.29 5.34
C LEU A 79 28.50 -4.49 4.41
N LYS A 80 27.33 -5.06 4.10
CA LYS A 80 27.26 -6.30 3.33
C LYS A 80 27.16 -6.08 1.83
N CYS A 81 26.90 -4.85 1.38
CA CYS A 81 26.76 -4.62 -0.06
C CYS A 81 28.10 -4.77 -0.77
N ASN A 82 29.21 -4.55 -0.07
CA ASN A 82 30.53 -4.67 -0.69
C ASN A 82 30.89 -6.12 -0.98
N LEU A 83 30.14 -7.07 -0.45
CA LEU A 83 30.49 -8.47 -0.60
C LEU A 83 30.28 -8.93 -2.03
N SER A 84 31.28 -9.63 -2.58
CA SER A 84 31.17 -10.23 -3.90
C SER A 84 30.72 -11.69 -3.85
N VAL A 85 30.81 -12.33 -2.69
CA VAL A 85 30.39 -13.71 -2.50
C VAL A 85 29.35 -13.73 -1.39
N ILE A 86 28.22 -14.39 -1.64
CA ILE A 86 27.13 -14.47 -0.67
C ILE A 86 26.73 -15.93 -0.53
N ASN A 87 26.73 -16.42 0.70
CA ASN A 87 26.31 -17.80 0.99
C ASN A 87 24.95 -17.79 1.68
N LEU A 88 24.01 -18.55 1.13
CA LEU A 88 22.67 -18.65 1.69
C LEU A 88 22.60 -19.79 2.69
N ASP A 89 21.39 -20.11 3.12
CA ASP A 89 21.15 -21.30 3.93
C ASP A 89 21.55 -22.54 3.15
N PRO A 90 22.48 -23.36 3.66
CA PRO A 90 22.97 -24.49 2.86
C PRO A 90 21.90 -25.49 2.45
N GLU A 91 20.81 -25.60 3.21
CA GLU A 91 19.80 -26.62 2.96
C GLU A 91 18.71 -26.16 2.01
N ILE A 92 18.87 -24.99 1.39
CA ILE A 92 17.93 -24.53 0.38
C ILE A 92 18.19 -25.29 -0.91
N ASN A 93 17.12 -25.60 -1.62
CA ASN A 93 17.22 -26.39 -2.84
C ASN A 93 18.01 -25.63 -3.90
N PRO A 94 19.12 -26.17 -4.41
CA PRO A 94 19.82 -25.45 -5.48
C PRO A 94 19.05 -25.38 -6.78
N GLU A 95 18.35 -26.46 -7.14
CA GLU A 95 17.56 -26.46 -8.36
C GLU A 95 16.46 -25.40 -8.30
N GLY A 96 15.79 -25.28 -7.16
CA GLY A 96 14.82 -24.22 -6.99
C GLY A 96 15.45 -22.84 -7.10
N PHE A 97 16.64 -22.67 -6.51
CA PHE A 97 17.33 -21.38 -6.62
C PHE A 97 17.64 -21.05 -8.07
N CYS A 98 18.12 -22.03 -8.83
CA CYS A 98 18.43 -21.79 -10.23
C CYS A 98 17.17 -21.43 -11.01
N ILE A 99 16.08 -22.15 -10.77
CA ILE A 99 14.84 -21.88 -11.49
C ILE A 99 14.33 -20.48 -11.13
N LEU A 100 14.47 -20.08 -9.87
CA LEU A 100 14.03 -18.75 -9.47
C LEU A 100 14.90 -17.67 -10.09
N LEU A 101 16.21 -17.92 -10.18
CA LEU A 101 17.09 -16.98 -10.86
C LEU A 101 16.68 -16.81 -12.32
N ASP A 102 16.40 -17.93 -12.98
CA ASP A 102 15.95 -17.87 -14.37
C ASP A 102 14.64 -17.12 -14.48
N PHE A 103 13.73 -17.32 -13.53
CA PHE A 103 12.49 -16.55 -13.52
C PHE A 103 12.76 -15.07 -13.37
N MET A 104 13.68 -14.71 -12.47
CA MET A 104 14.06 -13.31 -12.32
C MET A 104 14.51 -12.74 -13.65
N TYR A 105 15.34 -13.48 -14.38
CA TYR A 105 15.92 -12.95 -15.60
C TYR A 105 15.05 -13.15 -16.84
N THR A 106 13.92 -13.85 -16.73
CA THR A 106 13.13 -14.15 -17.91
C THR A 106 11.62 -14.06 -17.72
N SER A 107 11.14 -13.64 -16.55
CA SER A 107 9.71 -13.58 -16.27
C SER A 107 9.02 -14.92 -16.47
N ARG A 108 9.75 -16.02 -16.32
CA ARG A 108 9.24 -17.36 -16.58
C ARG A 108 9.62 -18.28 -15.43
N LEU A 109 8.63 -18.92 -14.84
CA LEU A 109 8.83 -19.81 -13.71
C LEU A 109 8.49 -21.23 -14.13
N ASN A 110 9.43 -22.16 -13.89
CA ASN A 110 9.28 -23.55 -14.30
C ASN A 110 8.89 -24.39 -13.07
N LEU A 111 7.59 -24.43 -12.81
CA LEU A 111 7.07 -25.24 -11.71
C LEU A 111 6.69 -26.63 -12.19
N ARG A 112 6.99 -27.63 -11.35
CA ARG A 112 6.60 -29.01 -11.59
C ARG A 112 6.23 -29.63 -10.25
N GLU A 113 5.49 -30.74 -10.31
CA GLU A 113 5.10 -31.43 -9.09
C GLU A 113 6.33 -31.84 -8.28
N GLY A 114 7.42 -32.18 -8.95
CA GLY A 114 8.61 -32.66 -8.27
C GLY A 114 9.43 -31.58 -7.59
N ASN A 115 9.13 -30.31 -7.80
CA ASN A 115 9.87 -29.25 -7.11
C ASN A 115 9.01 -28.15 -6.52
N ILE A 116 7.70 -28.15 -6.72
CA ILE A 116 6.89 -26.97 -6.38
C ILE A 116 7.09 -26.59 -4.92
N MET A 117 7.06 -27.57 -4.02
CA MET A 117 7.21 -27.25 -2.60
C MET A 117 8.59 -26.67 -2.30
N ALA A 118 9.64 -27.25 -2.88
CA ALA A 118 10.98 -26.73 -2.66
C ALA A 118 11.12 -25.31 -3.20
N VAL A 119 10.52 -25.05 -4.36
CA VAL A 119 10.56 -23.71 -4.94
C VAL A 119 9.85 -22.73 -4.02
N MET A 120 8.70 -23.12 -3.49
CA MET A 120 7.98 -22.24 -2.57
C MET A 120 8.81 -21.97 -1.32
N ALA A 121 9.44 -23.00 -0.77
CA ALA A 121 10.28 -22.80 0.41
C ALA A 121 11.44 -21.85 0.11
N THR A 122 12.10 -22.05 -1.03
CA THR A 122 13.20 -21.17 -1.39
C THR A 122 12.72 -19.74 -1.59
N ALA A 123 11.55 -19.56 -2.22
CA ALA A 123 11.01 -18.23 -2.42
C ALA A 123 10.71 -17.56 -1.07
N MET A 124 10.14 -18.31 -0.14
CA MET A 124 9.88 -17.75 1.18
C MET A 124 11.17 -17.35 1.86
N TYR A 125 12.21 -18.17 1.73
CA TYR A 125 13.51 -17.81 2.28
C TYR A 125 14.04 -16.53 1.64
N LEU A 126 13.88 -16.40 0.32
CA LEU A 126 14.31 -15.21 -0.40
C LEU A 126 13.36 -14.03 -0.22
N GLN A 127 12.20 -14.24 0.41
CA GLN A 127 11.24 -13.17 0.65
C GLN A 127 10.76 -12.56 -0.66
N MET A 128 10.29 -13.44 -1.55
CA MET A 128 9.75 -13.05 -2.84
C MET A 128 8.24 -13.25 -2.76
N GLU A 129 7.51 -12.16 -2.60
CA GLU A 129 6.09 -12.25 -2.26
C GLU A 129 5.30 -12.91 -3.39
N HIS A 130 5.33 -12.33 -4.58
CA HIS A 130 4.48 -12.80 -5.67
C HIS A 130 4.83 -14.23 -6.09
N VAL A 131 6.08 -14.65 -5.95
CA VAL A 131 6.44 -16.02 -6.27
C VAL A 131 5.74 -16.99 -5.33
N VAL A 132 5.81 -16.71 -4.03
CA VAL A 132 5.13 -17.54 -3.05
C VAL A 132 3.62 -17.47 -3.26
N ASP A 133 3.12 -16.31 -3.69
CA ASP A 133 1.70 -16.18 -4.00
C ASP A 133 1.30 -17.11 -5.14
N THR A 134 2.12 -17.16 -6.19
CA THR A 134 1.85 -18.07 -7.31
C THR A 134 1.91 -19.51 -6.85
N CYS A 135 2.90 -19.85 -6.01
CA CYS A 135 2.98 -21.21 -5.50
C CYS A 135 1.73 -21.58 -4.70
N ARG A 136 1.26 -20.66 -3.87
CA ARG A 136 0.04 -20.90 -3.12
C ARG A 136 -1.16 -21.06 -4.05
N LYS A 137 -1.24 -20.22 -5.08
CA LYS A 137 -2.35 -20.30 -6.02
C LYS A 137 -2.37 -21.64 -6.74
N PHE A 138 -1.20 -22.14 -7.14
CA PHE A 138 -1.16 -23.42 -7.85
C PHE A 138 -1.39 -24.59 -6.90
N ILE A 139 -0.90 -24.49 -5.67
CA ILE A 139 -1.12 -25.57 -4.71
C ILE A 139 -2.58 -25.66 -4.34
N LYS A 140 -3.29 -24.53 -4.27
CA LYS A 140 -4.71 -24.57 -3.90
C LYS A 140 -5.52 -25.33 -4.93
N ALA A 141 -5.14 -25.28 -6.20
CA ALA A 141 -5.88 -25.95 -7.26
C ALA A 141 -5.70 -27.46 -7.16
N ILE B 23 5.15 -21.60 -16.69
CA ILE B 23 4.41 -20.44 -16.11
C ILE B 23 5.09 -19.14 -16.52
N GLN B 24 4.30 -18.11 -16.75
CA GLN B 24 4.81 -16.79 -17.09
C GLN B 24 4.09 -15.74 -16.26
N PHE B 25 4.80 -14.67 -15.94
CA PHE B 25 4.31 -13.60 -15.09
C PHE B 25 3.97 -12.40 -15.97
N THR B 26 2.70 -12.00 -15.94
CA THR B 26 2.25 -10.90 -16.78
C THR B 26 2.90 -9.58 -16.41
N ARG B 27 3.26 -9.39 -15.15
CA ARG B 27 3.76 -8.12 -14.66
C ARG B 27 5.17 -8.19 -14.09
N HIS B 28 5.85 -9.33 -14.20
CA HIS B 28 7.19 -9.44 -13.62
C HIS B 28 8.13 -8.42 -14.24
N ALA B 29 8.09 -8.29 -15.57
CA ALA B 29 9.01 -7.36 -16.24
C ALA B 29 8.73 -5.93 -15.82
N SER B 30 7.46 -5.51 -15.84
CA SER B 30 7.14 -4.13 -15.48
C SER B 30 7.53 -3.83 -14.05
N ASP B 31 7.26 -4.77 -13.13
CA ASP B 31 7.57 -4.55 -11.72
C ASP B 31 9.07 -4.52 -11.48
N VAL B 32 9.83 -5.38 -12.16
CA VAL B 32 11.28 -5.34 -12.02
C VAL B 32 11.81 -4.01 -12.53
N LEU B 33 11.25 -3.53 -13.64
CA LEU B 33 11.65 -2.22 -14.14
C LEU B 33 11.33 -1.13 -13.13
N LEU B 34 10.16 -1.20 -12.50
CA LEU B 34 9.80 -0.21 -11.50
C LEU B 34 10.73 -0.26 -10.31
N ASN B 35 11.12 -1.47 -9.89
CA ASN B 35 12.06 -1.59 -8.78
C ASN B 35 13.42 -1.02 -9.15
N LEU B 36 13.87 -1.26 -10.38
CA LEU B 36 15.11 -0.64 -10.83
C LEU B 36 15.00 0.88 -10.82
N ASN B 37 13.84 1.40 -11.23
CA ASN B 37 13.64 2.85 -11.18
C ASN B 37 13.66 3.36 -9.74
N ARG B 38 13.09 2.58 -8.81
CA ARG B 38 13.16 2.95 -7.40
C ARG B 38 14.61 3.00 -6.93
N LEU B 39 15.42 2.03 -7.36
CA LEU B 39 16.84 2.09 -7.04
C LEU B 39 17.48 3.34 -7.61
N ARG B 40 17.16 3.67 -8.86
CA ARG B 40 17.76 4.85 -9.48
C ARG B 40 17.38 6.12 -8.75
N SER B 41 16.11 6.26 -8.39
CA SER B 41 15.66 7.47 -7.71
C SER B 41 16.35 7.62 -6.36
N ARG B 42 16.56 6.51 -5.65
CA ARG B 42 17.27 6.53 -4.39
C ARG B 42 18.78 6.50 -4.57
N ASP B 43 19.26 6.38 -5.80
CA ASP B 43 20.69 6.46 -6.10
C ASP B 43 21.45 5.36 -5.36
N ILE B 44 21.02 4.12 -5.56
CA ILE B 44 21.58 2.95 -4.89
C ILE B 44 22.25 2.08 -5.93
N LEU B 45 23.53 1.78 -5.71
CA LEU B 45 24.35 0.96 -6.59
C LEU B 45 24.48 1.54 -8.00
N THR B 46 24.05 2.78 -8.21
CA THR B 46 24.24 3.42 -9.50
C THR B 46 25.73 3.61 -9.76
N ASP B 47 26.25 2.99 -10.81
CA ASP B 47 27.69 2.90 -11.02
C ASP B 47 28.19 3.76 -12.18
N VAL B 48 27.34 4.57 -12.81
CA VAL B 48 27.78 5.40 -13.93
C VAL B 48 27.01 6.71 -13.90
N VAL B 49 27.60 7.73 -14.53
CA VAL B 49 26.97 9.03 -14.68
C VAL B 49 27.20 9.51 -16.12
N ILE B 50 26.13 9.97 -16.75
CA ILE B 50 26.16 10.47 -18.12
C ILE B 50 26.07 11.99 -18.08
N VAL B 51 26.93 12.65 -18.84
CA VAL B 51 26.96 14.10 -18.93
C VAL B 51 26.45 14.52 -20.30
N VAL B 52 25.30 15.18 -20.33
CA VAL B 52 24.70 15.71 -21.54
C VAL B 52 24.40 17.18 -21.32
N SER B 53 24.87 18.03 -22.22
CA SER B 53 24.65 19.46 -22.11
C SER B 53 25.04 19.97 -20.73
N ARG B 54 26.20 19.53 -20.25
CA ARG B 54 26.76 19.95 -18.97
C ARG B 54 25.84 19.61 -17.81
N GLU B 55 25.03 18.56 -17.94
CA GLU B 55 24.12 18.11 -16.90
C GLU B 55 24.31 16.61 -16.69
N GLN B 56 24.19 16.18 -15.43
CA GLN B 56 24.57 14.82 -15.05
C GLN B 56 23.34 13.98 -14.76
N PHE B 57 23.41 12.70 -15.11
CA PHE B 57 22.33 11.74 -14.88
C PHE B 57 22.99 10.42 -14.44
N ARG B 58 22.77 10.02 -13.19
CA ARG B 58 23.40 8.81 -12.66
C ARG B 58 22.48 7.61 -12.80
N ALA B 59 23.06 6.47 -13.14
CA ALA B 59 22.31 5.26 -13.42
C ALA B 59 23.27 4.07 -13.43
N HIS B 60 22.78 2.93 -13.93
CA HIS B 60 23.53 1.67 -13.98
C HIS B 60 23.92 1.37 -15.42
N LYS B 61 25.13 0.83 -15.61
CA LYS B 61 25.59 0.50 -16.95
C LYS B 61 24.72 -0.58 -17.60
N THR B 62 24.33 -1.60 -16.82
CA THR B 62 23.59 -2.71 -17.40
C THR B 62 22.27 -2.26 -17.98
N VAL B 63 21.55 -1.40 -17.28
CA VAL B 63 20.26 -0.92 -17.79
C VAL B 63 20.46 -0.11 -19.06
N LEU B 64 21.46 0.77 -19.06
CA LEU B 64 21.70 1.61 -20.24
C LEU B 64 22.04 0.77 -21.45
N MET B 65 22.93 -0.22 -21.29
CA MET B 65 23.31 -1.04 -22.42
C MET B 65 22.21 -1.99 -22.86
N ALA B 66 21.17 -2.17 -22.04
CA ALA B 66 20.03 -2.98 -22.42
C ALA B 66 18.98 -2.21 -23.21
N CYS B 67 19.12 -0.89 -23.32
CA CYS B 67 18.14 -0.07 -24.01
C CYS B 67 18.71 0.69 -25.20
N SER B 68 20.04 0.76 -25.34
CA SER B 68 20.66 1.59 -26.36
C SER B 68 21.75 0.80 -27.06
N GLY B 69 21.81 0.93 -28.39
CA GLY B 69 22.94 0.38 -29.12
C GLY B 69 24.23 1.12 -28.79
N LEU B 70 24.17 2.44 -28.64
CA LEU B 70 25.35 3.20 -28.29
C LEU B 70 25.94 2.73 -26.97
N PHE B 71 25.10 2.62 -25.94
CA PHE B 71 25.57 2.19 -24.63
C PHE B 71 26.01 0.74 -24.66
N TYR B 72 25.31 -0.10 -25.44
CA TYR B 72 25.74 -1.48 -25.57
C TYR B 72 27.15 -1.55 -26.13
N SER B 73 27.42 -0.78 -27.19
CA SER B 73 28.76 -0.74 -27.77
C SER B 73 29.78 -0.23 -26.76
N ILE B 74 29.44 0.85 -26.04
CA ILE B 74 30.40 1.46 -25.14
C ILE B 74 30.75 0.51 -24.00
N PHE B 75 29.75 -0.12 -23.40
CA PHE B 75 29.97 -0.94 -22.21
C PHE B 75 30.32 -2.38 -22.52
N THR B 76 30.20 -2.82 -23.77
CA THR B 76 30.80 -4.07 -24.20
C THR B 76 32.23 -3.88 -24.69
N ASP B 77 32.68 -2.64 -24.82
CA ASP B 77 34.07 -2.36 -25.14
C ASP B 77 34.92 -2.55 -23.89
N GLN B 78 35.90 -3.45 -23.96
CA GLN B 78 36.65 -3.84 -22.76
C GLN B 78 37.44 -2.67 -22.18
N LEU B 79 37.73 -1.65 -22.98
CA LEU B 79 38.43 -0.48 -22.47
C LEU B 79 37.47 0.56 -21.89
N LYS B 80 36.32 0.77 -22.53
CA LYS B 80 35.41 1.84 -22.11
C LYS B 80 34.42 1.39 -21.04
N CYS B 81 34.29 0.08 -20.80
CA CYS B 81 33.32 -0.38 -19.81
C CYS B 81 33.73 -0.01 -18.38
N ASN B 82 35.00 0.31 -18.16
CA ASN B 82 35.46 0.68 -16.83
C ASN B 82 35.17 2.14 -16.50
N LEU B 83 34.66 2.91 -17.45
CA LEU B 83 34.41 4.34 -17.24
C LEU B 83 33.13 4.51 -16.43
N SER B 84 33.26 5.08 -15.24
CA SER B 84 32.09 5.45 -14.44
C SER B 84 31.51 6.80 -14.84
N VAL B 85 32.20 7.55 -15.70
CA VAL B 85 31.72 8.82 -16.22
C VAL B 85 31.76 8.76 -17.73
N ILE B 86 30.66 9.11 -18.38
CA ILE B 86 30.57 9.07 -19.83
C ILE B 86 29.98 10.39 -20.31
N ASN B 87 30.66 11.04 -21.25
CA ASN B 87 30.17 12.27 -21.87
C ASN B 87 29.75 11.98 -23.30
N LEU B 88 28.51 12.35 -23.63
CA LEU B 88 27.99 12.17 -24.97
C LEU B 88 28.35 13.36 -25.84
N ASP B 89 27.77 13.41 -27.03
CA ASP B 89 27.89 14.60 -27.86
C ASP B 89 27.32 15.79 -27.09
N PRO B 90 28.11 16.86 -26.87
CA PRO B 90 27.63 17.94 -26.00
C PRO B 90 26.33 18.59 -26.45
N GLU B 91 26.07 18.63 -27.75
CA GLU B 91 24.91 19.33 -28.28
C GLU B 91 23.63 18.50 -28.23
N ILE B 92 23.71 17.26 -27.76
CA ILE B 92 22.51 16.48 -27.52
C ILE B 92 21.65 17.21 -26.50
N ASN B 93 20.38 17.38 -26.82
CA ASN B 93 19.49 18.15 -25.96
C ASN B 93 19.37 17.46 -24.60
N PRO B 94 19.46 18.21 -23.49
CA PRO B 94 19.35 17.55 -22.18
C PRO B 94 17.95 17.04 -21.89
N GLU B 95 16.92 17.82 -22.22
CA GLU B 95 15.55 17.36 -21.98
C GLU B 95 15.26 16.07 -22.73
N GLY B 96 15.72 15.99 -23.98
CA GLY B 96 15.51 14.77 -24.75
C GLY B 96 16.17 13.56 -24.12
N PHE B 97 17.43 13.71 -23.70
CA PHE B 97 18.13 12.60 -23.06
C PHE B 97 17.44 12.20 -21.77
N CYS B 98 16.99 13.18 -20.98
CA CYS B 98 16.31 12.87 -19.73
C CYS B 98 15.01 12.12 -19.99
N ILE B 99 14.24 12.55 -20.97
CA ILE B 99 12.98 11.89 -21.27
C ILE B 99 13.22 10.48 -21.80
N LEU B 100 14.27 10.31 -22.61
CA LEU B 100 14.59 8.98 -23.10
C LEU B 100 15.08 8.07 -21.99
N LEU B 101 15.83 8.61 -21.03
CA LEU B 101 16.25 7.82 -19.87
C LEU B 101 15.05 7.40 -19.05
N ASP B 102 14.10 8.32 -18.82
CA ASP B 102 12.88 7.95 -18.14
C ASP B 102 12.08 6.92 -18.91
N PHE B 103 12.08 7.00 -20.24
CA PHE B 103 11.42 5.97 -21.04
C PHE B 103 12.14 4.64 -20.91
N MET B 104 13.47 4.66 -20.81
CA MET B 104 14.21 3.43 -20.54
C MET B 104 13.76 2.81 -19.23
N TYR B 105 13.59 3.65 -18.21
CA TYR B 105 13.29 3.15 -16.87
C TYR B 105 11.81 2.97 -16.58
N THR B 106 10.92 3.31 -17.52
CA THR B 106 9.50 3.06 -17.31
C THR B 106 8.77 2.57 -18.57
N SER B 107 9.47 2.35 -19.67
CA SER B 107 8.87 1.93 -20.95
C SER B 107 7.79 2.90 -21.43
N ARG B 108 7.70 4.09 -20.84
CA ARG B 108 6.68 5.07 -21.20
C ARG B 108 7.37 6.31 -21.76
N LEU B 109 6.89 6.78 -22.90
CA LEU B 109 7.47 7.92 -23.59
C LEU B 109 6.40 8.99 -23.78
N ASN B 110 6.61 10.16 -23.18
CA ASN B 110 5.66 11.26 -23.28
C ASN B 110 6.20 12.27 -24.30
N LEU B 111 5.88 12.03 -25.57
CA LEU B 111 6.23 12.98 -26.60
C LEU B 111 5.35 14.22 -26.51
N ARG B 112 5.90 15.34 -26.97
CA ARG B 112 5.13 16.58 -27.06
C ARG B 112 5.60 17.35 -28.28
N GLU B 113 4.76 18.30 -28.70
CA GLU B 113 5.03 19.08 -29.90
C GLU B 113 6.40 19.75 -29.87
N GLY B 114 6.77 20.31 -28.72
CA GLY B 114 7.95 21.15 -28.63
C GLY B 114 9.26 20.44 -28.43
N ASN B 115 9.28 19.10 -28.42
CA ASN B 115 10.53 18.38 -28.24
C ASN B 115 10.68 17.17 -29.14
N ILE B 116 9.69 16.83 -29.97
CA ILE B 116 9.74 15.58 -30.70
C ILE B 116 10.98 15.51 -31.59
N MET B 117 11.34 16.62 -32.22
CA MET B 117 12.51 16.62 -33.09
C MET B 117 13.79 16.32 -32.30
N ALA B 118 13.95 16.97 -31.14
CA ALA B 118 15.12 16.73 -30.32
C ALA B 118 15.15 15.30 -29.80
N VAL B 119 13.99 14.78 -29.41
CA VAL B 119 13.92 13.39 -28.93
C VAL B 119 14.34 12.44 -30.03
N MET B 120 13.85 12.67 -31.25
CA MET B 120 14.21 11.81 -32.37
C MET B 120 15.71 11.88 -32.65
N ALA B 121 16.28 13.10 -32.64
CA ALA B 121 17.71 13.23 -32.88
C ALA B 121 18.51 12.50 -31.80
N THR B 122 18.10 12.65 -30.54
CA THR B 122 18.84 11.98 -29.45
C THR B 122 18.70 10.47 -29.55
N ALA B 123 17.51 9.98 -29.88
CA ALA B 123 17.35 8.54 -30.06
C ALA B 123 18.23 8.02 -31.20
N MET B 124 18.32 8.78 -32.29
CA MET B 124 19.23 8.40 -33.37
C MET B 124 20.66 8.34 -32.88
N TYR B 125 21.08 9.34 -32.11
CA TYR B 125 22.44 9.33 -31.56
C TYR B 125 22.66 8.12 -30.67
N LEU B 126 21.66 7.76 -29.86
CA LEU B 126 21.76 6.63 -28.96
C LEU B 126 21.52 5.30 -29.64
N GLN B 127 21.14 5.29 -30.92
CA GLN B 127 20.85 4.06 -31.65
C GLN B 127 19.70 3.30 -30.99
N MET B 128 18.57 3.97 -30.93
CA MET B 128 17.32 3.40 -30.43
C MET B 128 16.33 3.41 -31.59
N GLU B 129 16.40 2.36 -32.42
CA GLU B 129 15.73 2.39 -33.71
C GLU B 129 14.21 2.44 -33.55
N HIS B 130 13.66 1.66 -32.62
CA HIS B 130 12.21 1.63 -32.47
C HIS B 130 11.66 3.01 -32.10
N VAL B 131 12.35 3.70 -31.20
CA VAL B 131 11.90 5.04 -30.80
C VAL B 131 11.98 6.01 -31.97
N VAL B 132 13.09 5.96 -32.74
CA VAL B 132 13.23 6.84 -33.88
C VAL B 132 12.12 6.58 -34.90
N ASP B 133 11.84 5.31 -35.17
CA ASP B 133 10.79 4.95 -36.11
C ASP B 133 9.44 5.44 -35.63
N THR B 134 9.16 5.29 -34.34
CA THR B 134 7.90 5.80 -33.79
C THR B 134 7.81 7.31 -33.98
N CYS B 135 8.92 8.02 -33.73
CA CYS B 135 8.93 9.47 -33.95
C CYS B 135 8.66 9.81 -35.40
N ARG B 136 9.20 9.03 -36.33
CA ARG B 136 8.95 9.29 -37.75
C ARG B 136 7.46 9.35 -38.04
N LYS B 137 6.66 8.57 -37.31
CA LYS B 137 5.24 8.48 -37.60
C LYS B 137 4.47 9.72 -37.15
N PHE B 138 4.94 10.37 -36.09
CA PHE B 138 4.28 11.57 -35.59
C PHE B 138 4.97 12.82 -36.11
N ASN C 73 3.77 6.20 26.90
CA ASN C 73 4.76 7.29 26.65
C ASN C 73 4.59 7.82 25.24
N PHE C 74 4.27 6.93 24.32
CA PHE C 74 4.12 7.30 22.92
C PHE C 74 2.97 8.28 22.73
N ASP C 75 3.20 9.27 21.88
CA ASP C 75 2.15 10.24 21.57
C ASP C 75 1.03 9.56 20.79
N THR C 76 -0.21 9.77 21.22
CA THR C 76 -1.35 9.10 20.62
C THR C 76 -2.02 9.93 19.52
N SER C 77 -1.54 11.14 19.26
CA SER C 77 -2.08 11.92 18.16
C SER C 77 -1.29 11.74 16.88
N LEU C 78 -0.05 11.27 16.98
CA LEU C 78 0.82 11.17 15.81
C LEU C 78 0.27 10.23 14.75
N PRO C 79 -0.14 8.99 15.06
CA PRO C 79 -0.60 8.10 13.98
C PRO C 79 -1.70 8.70 13.12
N THR C 80 -2.61 9.46 13.74
CA THR C 80 -3.74 10.01 13.01
C THR C 80 -3.31 10.98 11.91
N SER C 81 -2.09 11.52 11.98
CA SER C 81 -1.69 12.48 10.97
C SER C 81 -1.35 11.80 9.66
N HIS C 82 -1.04 10.51 9.68
CA HIS C 82 -0.58 9.80 8.50
C HIS C 82 0.64 10.50 7.90
N THR C 83 1.62 10.78 8.77
CA THR C 83 2.78 11.54 8.33
C THR C 83 3.56 10.83 7.25
N TYR C 84 3.55 9.50 7.20
CA TYR C 84 4.37 8.79 6.24
C TYR C 84 4.02 9.12 4.80
N LEU C 85 2.80 9.58 4.53
CA LEU C 85 2.45 9.98 3.17
C LEU C 85 3.32 11.14 2.70
N GLY C 86 3.51 12.15 3.55
CA GLY C 86 4.24 13.34 3.18
C GLY C 86 3.82 14.53 4.01
N ALA C 87 4.79 15.30 4.49
CA ALA C 87 4.48 16.41 5.38
C ALA C 87 3.83 17.57 4.66
N ASP C 88 4.06 17.70 3.36
CA ASP C 88 3.53 18.82 2.58
C ASP C 88 2.36 18.32 1.74
N MET C 89 1.14 18.66 2.15
CA MET C 89 -0.07 18.27 1.45
C MET C 89 -0.96 19.48 1.29
N GLU C 90 -1.29 19.82 0.05
CA GLU C 90 -2.24 20.90 -0.20
C GLU C 90 -3.53 20.58 0.53
N GLU C 91 -4.04 21.55 1.30
CA GLU C 91 -5.15 21.31 2.20
C GLU C 91 -6.29 22.26 1.88
N PHE C 92 -7.52 21.78 2.02
CA PHE C 92 -8.72 22.54 1.67
C PHE C 92 -9.61 22.67 2.91
N HIS C 93 -10.00 23.90 3.23
CA HIS C 93 -10.97 24.16 4.28
C HIS C 93 -12.33 24.37 3.63
N GLY C 94 -13.21 23.40 3.81
CA GLY C 94 -14.54 23.50 3.23
C GLY C 94 -15.38 22.30 3.59
N ARG C 95 -16.67 22.42 3.30
CA ARG C 95 -17.58 21.30 3.46
C ARG C 95 -18.84 21.57 2.63
N THR C 96 -19.45 20.49 2.16
CA THR C 96 -20.64 20.58 1.32
C THR C 96 -21.56 19.42 1.65
N LEU C 97 -22.81 19.74 1.99
CA LEU C 97 -23.81 18.75 2.32
C LEU C 97 -24.97 18.87 1.35
N HIS C 98 -25.38 17.76 0.77
CA HIS C 98 -26.50 17.73 -0.15
C HIS C 98 -27.82 17.76 0.60
N ASP C 99 -28.78 18.50 0.05
CA ASP C 99 -30.11 18.54 0.63
C ASP C 99 -30.67 17.12 0.76
N ASP C 100 -31.24 16.82 1.91
CA ASP C 100 -31.72 15.48 2.19
C ASP C 100 -32.85 15.10 1.23
N ASP C 101 -32.96 13.80 0.98
CA ASP C 101 -33.97 13.22 0.09
C ASP C 101 -33.89 13.80 -1.32
N SER C 102 -32.73 14.33 -1.71
CA SER C 102 -32.52 14.80 -3.07
C SER C 102 -31.97 13.65 -3.94
N CYS C 103 -31.91 13.91 -5.24
CA CYS C 103 -31.43 12.93 -6.21
C CYS C 103 -30.28 13.54 -6.99
N GLN C 104 -29.14 12.87 -7.01
CA GLN C 104 -27.93 13.39 -7.63
C GLN C 104 -27.13 12.24 -8.20
N VAL C 105 -26.23 12.56 -9.13
CA VAL C 105 -25.37 11.57 -9.77
C VAL C 105 -23.96 11.80 -9.26
N ILE C 106 -23.29 10.72 -8.85
CA ILE C 106 -21.97 10.84 -8.25
C ILE C 106 -21.01 9.88 -8.93
N PRO C 107 -19.74 10.23 -9.10
CA PRO C 107 -18.76 9.26 -9.59
C PRO C 107 -18.14 8.47 -8.46
N VAL C 108 -17.78 7.23 -8.76
CA VAL C 108 -17.17 6.33 -7.78
C VAL C 108 -15.87 5.79 -8.34
N LEU C 109 -14.89 5.60 -7.46
CA LEU C 109 -13.56 5.20 -7.91
C LEU C 109 -13.56 3.75 -8.37
N PRO C 110 -12.60 3.37 -9.22
CA PRO C 110 -12.65 2.02 -9.82
C PRO C 110 -12.70 0.89 -8.81
N GLN C 111 -11.90 0.93 -7.74
CA GLN C 111 -11.86 -0.15 -6.78
C GLN C 111 -11.56 0.41 -5.40
N VAL C 112 -12.56 0.40 -4.53
CA VAL C 112 -12.40 0.78 -3.12
C VAL C 112 -13.20 -0.21 -2.29
N MET C 113 -12.51 -1.21 -1.73
CA MET C 113 -13.19 -2.29 -1.03
C MET C 113 -13.24 -2.05 0.47
N MET C 114 -13.96 -1.01 0.90
CA MET C 114 -14.11 -0.73 2.32
C MET C 114 -15.41 0.03 2.53
N ILE C 115 -16.13 -0.33 3.59
CA ILE C 115 -17.38 0.34 3.94
C ILE C 115 -17.03 1.59 4.73
N LEU C 116 -16.88 2.71 4.03
CA LEU C 116 -16.48 3.95 4.69
C LEU C 116 -17.65 4.54 5.46
N ILE C 117 -17.41 4.87 6.72
CA ILE C 117 -18.45 5.39 7.61
C ILE C 117 -18.26 6.89 7.75
N PRO C 118 -19.33 7.68 7.88
CA PRO C 118 -19.16 9.12 8.03
C PRO C 118 -18.24 9.44 9.21
N GLY C 119 -17.39 10.46 9.01
CA GLY C 119 -16.45 10.84 10.04
C GLY C 119 -15.20 10.02 10.10
N GLN C 120 -15.03 9.04 9.21
CA GLN C 120 -13.84 8.19 9.20
C GLN C 120 -12.88 8.66 8.12
N THR C 121 -11.60 8.77 8.48
CA THR C 121 -10.59 9.21 7.54
C THR C 121 -10.16 8.06 6.63
N LEU C 122 -9.80 8.41 5.39
CA LEU C 122 -9.40 7.43 4.40
C LEU C 122 -8.23 7.95 3.58
N PRO C 123 -7.05 7.35 3.68
CA PRO C 123 -5.94 7.75 2.81
C PRO C 123 -5.87 6.88 1.56
N LEU C 124 -5.46 7.49 0.45
CA LEU C 124 -5.29 6.77 -0.80
C LEU C 124 -4.03 7.25 -1.50
N GLN C 125 -3.45 6.34 -2.28
CA GLN C 125 -2.35 6.65 -3.21
C GLN C 125 -2.74 6.01 -4.53
N LEU C 126 -3.15 6.83 -5.49
CA LEU C 126 -3.67 6.33 -6.76
C LEU C 126 -2.63 6.46 -7.86
N PHE C 127 -2.68 5.52 -8.81
CA PHE C 127 -1.66 5.38 -9.85
C PHE C 127 -2.22 5.48 -11.26
N HIS C 128 -3.41 4.94 -11.50
CA HIS C 128 -3.90 4.76 -12.86
C HIS C 128 -4.10 6.12 -13.54
N PRO C 129 -3.96 6.19 -14.87
CA PRO C 129 -4.22 7.45 -15.57
C PRO C 129 -5.64 7.97 -15.37
N GLN C 130 -6.63 7.12 -15.58
CA GLN C 130 -8.01 7.55 -15.45
C GLN C 130 -8.32 7.98 -14.03
N GLU C 131 -7.77 7.26 -13.04
CA GLU C 131 -8.00 7.63 -11.64
C GLU C 131 -7.42 9.02 -11.34
N VAL C 132 -6.17 9.26 -11.72
CA VAL C 132 -5.56 10.55 -11.42
C VAL C 132 -6.32 11.67 -12.14
N SER C 133 -6.70 11.44 -13.39
CA SER C 133 -7.43 12.47 -14.11
C SER C 133 -8.78 12.76 -13.46
N MET C 134 -9.52 11.73 -13.08
CA MET C 134 -10.85 11.96 -12.53
C MET C 134 -10.77 12.60 -11.15
N VAL C 135 -9.79 12.20 -10.33
CA VAL C 135 -9.67 12.84 -9.02
C VAL C 135 -9.21 14.28 -9.16
N ARG C 136 -8.33 14.56 -10.12
CA ARG C 136 -7.94 15.94 -10.38
C ARG C 136 -9.15 16.78 -10.78
N ASN C 137 -9.96 16.27 -11.69
CA ASN C 137 -11.18 16.98 -12.08
C ASN C 137 -12.10 17.16 -10.88
N LEU C 138 -12.24 16.13 -10.05
CA LEU C 138 -13.05 16.24 -8.84
C LEU C 138 -12.58 17.41 -8.00
N ILE C 139 -11.31 17.41 -7.61
CA ILE C 139 -10.83 18.47 -6.74
C ILE C 139 -11.01 19.82 -7.40
N GLN C 140 -11.05 19.88 -8.73
CA GLN C 140 -11.37 21.15 -9.37
C GLN C 140 -12.83 21.54 -9.15
N LYS C 141 -13.76 20.60 -9.30
CA LYS C 141 -15.16 20.99 -9.36
C LYS C 141 -15.86 20.98 -8.00
N ASP C 142 -15.92 19.83 -7.34
CA ASP C 142 -16.82 19.68 -6.21
C ASP C 142 -16.18 18.97 -5.01
N ARG C 143 -15.09 18.26 -5.24
CA ARG C 143 -14.22 17.78 -4.16
C ARG C 143 -14.80 16.57 -3.42
N THR C 144 -15.79 15.88 -3.99
CA THR C 144 -16.37 14.71 -3.35
C THR C 144 -16.55 13.59 -4.35
N PHE C 145 -16.51 12.35 -3.86
CA PHE C 145 -16.81 11.18 -4.66
C PHE C 145 -17.61 10.22 -3.80
N ALA C 146 -17.86 9.03 -4.32
CA ALA C 146 -18.71 8.04 -3.67
C ALA C 146 -17.93 6.77 -3.38
N VAL C 147 -18.31 6.09 -2.30
CA VAL C 147 -17.75 4.79 -1.95
C VAL C 147 -18.93 3.87 -1.70
N LEU C 148 -19.01 2.80 -2.50
CA LEU C 148 -20.13 1.87 -2.42
C LEU C 148 -19.81 0.77 -1.42
N ALA C 149 -20.77 0.49 -0.54
CA ALA C 149 -20.65 -0.60 0.43
C ALA C 149 -21.09 -1.89 -0.26
N TYR C 150 -20.13 -2.58 -0.85
CA TYR C 150 -20.43 -3.81 -1.58
C TYR C 150 -20.81 -4.92 -0.63
N SER C 151 -21.98 -5.52 -0.86
CA SER C 151 -22.38 -6.67 -0.06
C SER C 151 -21.43 -7.84 -0.30
N ASN C 152 -21.02 -8.06 -1.54
CA ASN C 152 -19.99 -9.03 -1.84
C ASN C 152 -19.16 -8.54 -3.03
N VAL C 153 -17.87 -8.85 -3.01
CA VAL C 153 -16.94 -8.27 -3.98
C VAL C 153 -17.23 -8.78 -5.38
N GLN C 154 -17.43 -10.09 -5.54
CA GLN C 154 -17.50 -10.65 -6.89
C GLN C 154 -18.72 -10.16 -7.65
N GLU C 155 -19.85 -9.94 -6.98
CA GLU C 155 -21.05 -9.56 -7.71
C GLU C 155 -21.00 -8.11 -8.17
N ARG C 156 -20.29 -7.25 -7.43
CA ARG C 156 -20.14 -5.84 -7.74
C ARG C 156 -21.44 -5.07 -7.62
N GLU C 157 -22.44 -5.64 -6.96
CA GLU C 157 -23.71 -4.97 -6.74
C GLU C 157 -23.82 -4.49 -5.30
N ALA C 158 -24.34 -3.28 -5.14
CA ALA C 158 -24.57 -2.70 -3.82
C ALA C 158 -25.75 -1.76 -3.89
N GLN C 159 -26.35 -1.49 -2.73
CA GLN C 159 -27.54 -0.68 -2.64
C GLN C 159 -27.41 0.51 -1.70
N PHE C 160 -26.30 0.67 -1.00
CA PHE C 160 -26.05 1.83 -0.18
C PHE C 160 -24.60 2.25 -0.31
N GLY C 161 -24.32 3.49 0.04
CA GLY C 161 -22.97 3.98 -0.03
C GLY C 161 -22.80 5.25 0.76
N THR C 162 -21.56 5.75 0.75
CA THR C 162 -21.19 6.92 1.52
C THR C 162 -20.42 7.90 0.64
N THR C 163 -20.82 9.16 0.65
CA THR C 163 -20.07 10.18 -0.06
C THR C 163 -18.85 10.55 0.77
N ALA C 164 -17.69 10.57 0.15
CA ALA C 164 -16.45 10.97 0.79
C ALA C 164 -16.00 12.31 0.23
N GLU C 165 -15.32 13.09 1.06
CA GLU C 165 -14.86 14.42 0.68
C GLU C 165 -13.35 14.49 0.80
N ILE C 166 -12.72 15.07 -0.22
CA ILE C 166 -11.28 15.29 -0.22
C ILE C 166 -10.98 16.47 0.67
N TYR C 167 -10.06 16.27 1.63
CA TYR C 167 -9.57 17.35 2.46
C TYR C 167 -8.06 17.47 2.50
N ALA C 168 -7.33 16.57 1.86
CA ALA C 168 -5.90 16.78 1.67
C ALA C 168 -5.46 16.11 0.37
N TYR C 169 -4.53 16.74 -0.33
CA TYR C 169 -4.19 16.33 -1.69
C TYR C 169 -2.71 16.61 -1.94
N ARG C 170 -2.11 15.82 -2.84
CA ARG C 170 -0.75 16.05 -3.28
C ARG C 170 -0.49 15.19 -4.51
N GLU C 171 0.20 15.74 -5.50
CA GLU C 171 0.56 15.00 -6.69
C GLU C 171 2.07 14.87 -6.76
N GLU C 172 2.55 13.67 -7.06
CA GLU C 172 3.96 13.34 -6.92
C GLU C 172 4.46 12.75 -8.23
N GLN C 173 5.55 13.31 -8.76
CA GLN C 173 6.21 12.83 -9.96
C GLN C 173 7.58 12.32 -9.55
N ASP C 174 7.88 11.06 -9.88
CA ASP C 174 9.10 10.39 -9.44
C ASP C 174 9.78 9.80 -10.67
N PHE C 175 10.63 10.60 -11.32
CA PHE C 175 11.40 10.16 -12.48
C PHE C 175 10.50 9.47 -13.50
N GLY C 176 9.51 10.21 -13.98
CA GLY C 176 8.58 9.72 -14.97
C GLY C 176 7.35 9.07 -14.38
N ILE C 177 7.43 8.54 -13.15
CA ILE C 177 6.26 7.97 -12.51
C ILE C 177 5.34 9.11 -12.05
N GLU C 178 4.05 8.82 -11.99
CA GLU C 178 3.06 9.76 -11.50
C GLU C 178 2.13 9.05 -10.52
N ILE C 179 1.93 9.65 -9.36
CA ILE C 179 0.98 9.16 -8.38
C ILE C 179 0.32 10.34 -7.70
N VAL C 180 -0.79 10.07 -7.02
CA VAL C 180 -1.50 11.10 -6.29
C VAL C 180 -1.82 10.59 -4.90
N LYS C 181 -1.35 11.30 -3.88
CA LYS C 181 -1.67 11.03 -2.48
C LYS C 181 -2.87 11.89 -2.10
N VAL C 182 -3.79 11.33 -1.32
CA VAL C 182 -5.00 12.05 -0.97
C VAL C 182 -5.53 11.52 0.36
N LYS C 183 -6.21 12.38 1.11
CA LYS C 183 -6.87 12.01 2.34
C LYS C 183 -8.27 12.58 2.32
N ALA C 184 -9.27 11.72 2.59
CA ALA C 184 -10.67 12.09 2.50
C ALA C 184 -11.39 11.68 3.78
N ILE C 185 -12.65 12.13 3.90
CA ILE C 185 -13.42 11.97 5.12
C ILE C 185 -14.89 11.83 4.74
N GLY C 186 -15.56 10.81 5.29
CA GLY C 186 -16.94 10.55 4.90
C GLY C 186 -17.90 11.62 5.44
N ARG C 187 -18.97 11.85 4.68
CA ARG C 187 -19.93 12.88 5.05
C ARG C 187 -21.37 12.36 5.18
N GLN C 188 -21.90 11.77 4.12
CA GLN C 188 -23.33 11.44 4.06
C GLN C 188 -23.54 10.02 3.58
N ARG C 189 -24.66 9.45 3.99
CA ARG C 189 -25.09 8.12 3.55
C ARG C 189 -26.10 8.27 2.43
N PHE C 190 -26.22 7.25 1.58
CA PHE C 190 -27.12 7.36 0.46
C PHE C 190 -27.53 5.98 -0.04
N LYS C 191 -28.62 5.96 -0.80
CA LYS C 191 -29.12 4.77 -1.47
C LYS C 191 -28.90 4.94 -2.96
N VAL C 192 -28.49 3.86 -3.63
CA VAL C 192 -28.23 3.93 -5.06
C VAL C 192 -29.41 3.34 -5.83
N LEU C 193 -29.91 4.10 -6.80
CA LEU C 193 -30.98 3.63 -7.66
C LEU C 193 -30.42 2.70 -8.75
N GLU C 194 -29.55 3.22 -9.60
CA GLU C 194 -28.84 2.40 -10.57
C GLU C 194 -27.55 3.11 -10.95
N LEU C 195 -26.59 2.32 -11.42
CA LEU C 195 -25.28 2.84 -11.77
C LEU C 195 -24.95 2.50 -13.22
N ARG C 196 -24.35 3.46 -13.92
CA ARG C 196 -24.05 3.35 -15.33
C ARG C 196 -22.57 3.63 -15.54
N THR C 197 -21.93 2.82 -16.36
CA THR C 197 -20.50 3.00 -16.65
C THR C 197 -20.35 3.83 -17.91
N GLN C 198 -19.70 4.98 -17.80
CA GLN C 198 -19.39 5.77 -18.98
C GLN C 198 -18.13 5.22 -19.65
N SER C 199 -17.85 5.73 -20.86
CA SER C 199 -16.87 5.09 -21.71
C SER C 199 -15.49 4.99 -21.06
N ASP C 200 -15.03 6.05 -20.40
CA ASP C 200 -13.68 6.11 -19.90
C ASP C 200 -13.47 5.31 -18.62
N GLY C 201 -14.36 4.37 -18.31
CA GLY C 201 -14.15 3.46 -17.20
C GLY C 201 -14.59 3.98 -15.85
N ILE C 202 -15.05 5.22 -15.77
CA ILE C 202 -15.60 5.74 -14.53
C ILE C 202 -17.04 5.30 -14.39
N GLN C 203 -17.47 5.03 -13.16
CA GLN C 203 -18.84 4.61 -12.89
C GLN C 203 -19.59 5.77 -12.24
N GLN C 204 -20.71 6.15 -12.86
CA GLN C 204 -21.57 7.20 -12.34
C GLN C 204 -22.84 6.57 -11.81
N ALA C 205 -23.15 6.81 -10.54
CA ALA C 205 -24.31 6.23 -9.90
C ALA C 205 -25.35 7.31 -9.66
N LYS C 206 -26.59 7.05 -10.10
CA LYS C 206 -27.71 7.86 -9.66
C LYS C 206 -28.03 7.46 -8.23
N VAL C 207 -28.31 8.42 -7.37
CA VAL C 207 -28.32 8.16 -5.94
C VAL C 207 -29.21 9.18 -5.24
N GLN C 208 -30.02 8.70 -4.31
CA GLN C 208 -30.86 9.54 -3.48
C GLN C 208 -30.25 9.63 -2.07
N ILE C 209 -30.10 10.85 -1.57
CA ILE C 209 -29.43 11.08 -0.30
C ILE C 209 -30.37 10.71 0.84
N LEU C 210 -29.86 9.95 1.82
CA LEU C 210 -30.65 9.49 2.97
C LEU C 210 -30.61 10.53 4.08
N PRO C 211 -31.75 10.89 4.66
CA PRO C 211 -31.74 11.87 5.76
C PRO C 211 -31.18 11.30 7.04
N GLU C 212 -30.68 12.20 7.88
CA GLU C 212 -30.20 11.83 9.21
C GLU C 212 -31.33 11.90 10.23
N LYS C 236 -23.38 15.77 34.99
CA LYS C 236 -22.40 14.76 35.34
C LYS C 236 -21.26 15.41 36.14
N PRO C 237 -20.81 14.76 37.21
CA PRO C 237 -19.70 15.34 37.98
C PRO C 237 -18.47 15.53 37.11
N VAL C 238 -17.73 16.61 37.37
CA VAL C 238 -16.50 16.85 36.63
C VAL C 238 -15.54 15.68 36.79
N SER C 239 -15.38 15.19 38.01
CA SER C 239 -14.60 13.98 38.25
C SER C 239 -15.41 12.75 37.90
N ARG C 240 -14.72 11.72 37.40
CA ARG C 240 -15.40 10.48 37.03
C ARG C 240 -15.41 9.54 38.24
N GLU C 241 -15.34 10.11 39.44
CA GLU C 241 -15.24 9.33 40.66
C GLU C 241 -16.45 8.41 40.80
N ASP C 242 -16.22 7.19 41.28
CA ASP C 242 -17.22 6.14 41.20
C ASP C 242 -18.50 6.53 41.93
N GLN C 243 -18.40 6.78 43.24
CA GLN C 243 -19.61 7.03 44.03
C GLN C 243 -20.34 8.28 43.58
N CYS C 244 -19.63 9.33 43.20
CA CYS C 244 -20.30 10.53 42.72
C CYS C 244 -21.14 10.23 41.48
N SER C 245 -20.62 9.37 40.60
CA SER C 245 -21.38 8.99 39.42
C SER C 245 -22.56 8.09 39.78
N TYR C 246 -22.42 7.27 40.81
CA TYR C 246 -23.47 6.34 41.20
C TYR C 246 -24.74 7.09 41.63
N LYS C 247 -24.64 7.83 42.74
CA LYS C 247 -25.80 8.56 43.22
C LYS C 247 -26.27 9.59 42.21
N TRP C 248 -25.35 10.22 41.49
CA TRP C 248 -25.74 11.21 40.50
C TRP C 248 -26.58 10.59 39.39
N TRP C 249 -26.16 9.40 38.92
CA TRP C 249 -26.92 8.79 37.84
C TRP C 249 -28.26 8.27 38.32
N GLN C 250 -28.33 7.76 39.54
CA GLN C 250 -29.64 7.40 40.09
C GLN C 250 -30.55 8.62 40.14
N LYS C 251 -30.00 9.74 40.61
CA LYS C 251 -30.79 10.97 40.68
C LYS C 251 -31.24 11.41 39.29
N TYR C 252 -30.35 11.32 38.31
CA TYR C 252 -30.69 11.71 36.95
C TYR C 252 -31.83 10.86 36.42
N GLN C 253 -31.72 9.55 36.59
CA GLN C 253 -32.78 8.67 36.11
C GLN C 253 -34.10 9.02 36.77
N LYS C 254 -34.07 9.24 38.10
CA LYS C 254 -35.30 9.55 38.80
C LYS C 254 -35.92 10.85 38.30
N ARG C 255 -35.09 11.89 38.12
CA ARG C 255 -35.64 13.18 37.75
C ARG C 255 -36.17 13.19 36.32
N LYS C 256 -35.39 12.66 35.37
CA LYS C 256 -35.76 12.80 33.98
C LYS C 256 -37.01 12.00 33.63
N PHE C 257 -37.13 10.80 34.18
CA PHE C 257 -38.25 9.92 33.89
C PHE C 257 -39.27 9.94 35.02
N HIS C 258 -39.33 11.04 35.76
CA HIS C 258 -40.31 11.15 36.84
C HIS C 258 -41.72 10.94 36.32
N CYS C 259 -41.98 11.32 35.08
CA CYS C 259 -43.27 11.06 34.46
C CYS C 259 -43.45 9.56 34.28
N ASP C 274 -32.73 5.91 25.84
CA ASP C 274 -32.23 7.24 26.20
C ASP C 274 -30.87 7.49 25.57
N ALA C 275 -30.60 8.75 25.23
CA ALA C 275 -29.36 9.09 24.55
C ALA C 275 -28.20 9.19 25.53
N GLU C 276 -28.34 10.01 26.56
CA GLU C 276 -27.23 10.22 27.48
C GLU C 276 -26.82 8.91 28.15
N THR C 277 -27.80 8.10 28.56
CA THR C 277 -27.48 6.87 29.26
C THR C 277 -26.73 5.89 28.36
N LEU C 278 -27.21 5.70 27.13
CA LEU C 278 -26.53 4.80 26.22
C LEU C 278 -25.13 5.30 25.91
N MET C 279 -24.99 6.60 25.67
CA MET C 279 -23.66 7.15 25.43
C MET C 279 -22.76 6.90 26.62
N ASP C 280 -23.29 7.04 27.83
CA ASP C 280 -22.47 6.84 29.02
C ASP C 280 -21.99 5.41 29.11
N ARG C 281 -22.87 4.44 28.86
CA ARG C 281 -22.44 3.04 28.93
C ARG C 281 -21.41 2.71 27.85
N ILE C 282 -21.62 3.20 26.64
CA ILE C 282 -20.64 2.97 25.58
C ILE C 282 -19.31 3.59 25.96
N LYS C 283 -19.34 4.78 26.57
CA LYS C 283 -18.10 5.41 26.99
C LYS C 283 -17.43 4.62 28.10
N LYS C 284 -18.22 3.98 28.97
CA LYS C 284 -17.62 3.13 29.99
C LYS C 284 -16.87 1.98 29.35
N GLN C 285 -17.46 1.33 28.36
CA GLN C 285 -16.75 0.26 27.67
C GLN C 285 -15.49 0.79 26.97
N LEU C 286 -15.63 1.86 26.20
CA LEU C 286 -14.48 2.42 25.51
C LEU C 286 -13.35 2.75 26.47
N ARG C 287 -13.68 3.28 27.64
CA ARG C 287 -12.68 3.53 28.65
C ARG C 287 -12.06 2.25 29.18
N GLU C 288 -12.86 1.20 29.34
CA GLU C 288 -12.29 -0.11 29.69
C GLU C 288 -11.22 -0.48 28.68
N TRP C 289 -11.42 -0.14 27.41
CA TRP C 289 -10.38 -0.38 26.41
C TRP C 289 -9.18 0.53 26.59
N ASP C 290 -9.40 1.80 26.90
CA ASP C 290 -8.31 2.77 26.99
C ASP C 290 -8.46 3.55 28.29
N GLU C 291 -7.51 3.34 29.20
CA GLU C 291 -7.52 4.10 30.45
C GLU C 291 -7.25 5.58 30.22
N ASN C 292 -6.33 5.90 29.32
CA ASN C 292 -5.98 7.29 29.06
C ASN C 292 -7.10 8.07 28.37
N LEU C 293 -8.12 7.38 27.89
CA LEU C 293 -9.24 7.98 27.18
C LEU C 293 -9.81 9.17 27.96
N LYS C 294 -9.98 10.30 27.27
CA LYS C 294 -10.48 11.53 27.85
C LYS C 294 -11.79 11.90 27.19
N ASP C 295 -12.76 12.33 27.99
CA ASP C 295 -14.13 12.49 27.50
C ASP C 295 -14.22 13.50 26.37
N ASP C 296 -13.53 14.64 26.50
CA ASP C 296 -13.70 15.70 25.51
C ASP C 296 -13.34 15.24 24.11
N SER C 297 -12.55 14.17 23.98
CA SER C 297 -12.19 13.66 22.67
C SER C 297 -13.38 13.06 21.95
N LEU C 298 -14.25 12.35 22.67
CA LEU C 298 -15.44 11.76 22.06
C LEU C 298 -16.51 12.82 21.92
N PRO C 299 -17.07 13.04 20.74
CA PRO C 299 -18.04 14.12 20.58
C PRO C 299 -19.27 13.91 21.46
N SER C 300 -19.83 15.02 21.92
CA SER C 300 -21.02 14.98 22.75
C SER C 300 -22.30 14.84 21.95
N ASN C 301 -22.29 15.22 20.69
CA ASN C 301 -23.47 15.05 19.85
C ASN C 301 -23.73 13.56 19.65
N PRO C 302 -24.95 13.08 19.87
CA PRO C 302 -25.18 11.63 19.71
C PRO C 302 -24.81 11.08 18.35
N ILE C 303 -25.06 11.82 17.27
CA ILE C 303 -24.82 11.28 15.93
C ILE C 303 -23.33 11.03 15.71
N ASP C 304 -22.51 12.04 16.00
CA ASP C 304 -21.07 11.88 15.82
C ASP C 304 -20.53 10.79 16.71
N PHE C 305 -21.02 10.70 17.94
CA PHE C 305 -20.56 9.66 18.86
C PHE C 305 -20.90 8.28 18.32
N SER C 306 -22.12 8.10 17.81
CA SER C 306 -22.50 6.80 17.28
C SER C 306 -21.65 6.43 16.09
N TYR C 307 -21.39 7.38 15.19
CA TYR C 307 -20.53 7.08 14.04
C TYR C 307 -19.12 6.72 14.48
N ARG C 308 -18.57 7.46 15.43
CA ARG C 308 -17.22 7.16 15.90
C ARG C 308 -17.17 5.75 16.49
N VAL C 309 -18.15 5.41 17.33
CA VAL C 309 -18.16 4.07 17.91
C VAL C 309 -18.27 3.02 16.81
N ALA C 310 -19.17 3.24 15.85
CA ALA C 310 -19.34 2.27 14.78
C ALA C 310 -18.04 2.04 14.03
N ALA C 311 -17.28 3.12 13.81
CA ALA C 311 -15.97 2.97 13.16
C ALA C 311 -14.99 2.20 14.03
N CYS C 312 -15.03 2.42 15.35
CA CYS C 312 -14.08 1.74 16.24
C CYS C 312 -14.35 0.24 16.33
N LEU C 313 -15.60 -0.18 16.17
CA LEU C 313 -15.96 -1.57 16.37
C LEU C 313 -15.19 -2.48 15.43
N PRO C 314 -14.49 -3.50 15.93
CA PRO C 314 -13.84 -4.50 15.04
C PRO C 314 -14.79 -5.63 14.63
N ILE C 315 -15.58 -5.37 13.60
CA ILE C 315 -16.66 -6.28 13.19
C ILE C 315 -16.62 -6.47 11.68
N ASP C 316 -17.25 -7.55 11.22
CA ASP C 316 -17.26 -7.89 9.81
C ASP C 316 -18.19 -6.99 9.01
N ASP C 317 -18.07 -7.06 7.68
CA ASP C 317 -18.70 -6.08 6.81
C ASP C 317 -20.21 -6.19 6.82
N VAL C 318 -20.77 -7.39 6.96
CA VAL C 318 -22.23 -7.49 6.92
C VAL C 318 -22.83 -6.70 8.08
N LEU C 319 -22.25 -6.83 9.28
CA LEU C 319 -22.69 -6.00 10.39
C LEU C 319 -22.41 -4.53 10.10
N ARG C 320 -21.30 -4.23 9.43
CA ARG C 320 -20.99 -2.84 9.13
C ARG C 320 -22.09 -2.19 8.30
N ILE C 321 -22.55 -2.86 7.24
CA ILE C 321 -23.59 -2.27 6.41
C ILE C 321 -24.92 -2.27 7.15
N GLN C 322 -25.22 -3.34 7.88
CA GLN C 322 -26.46 -3.35 8.65
C GLN C 322 -26.50 -2.18 9.63
N LEU C 323 -25.35 -1.82 10.19
CA LEU C 323 -25.28 -0.70 11.11
C LEU C 323 -25.30 0.63 10.37
N LEU C 324 -24.74 0.66 9.17
CA LEU C 324 -24.73 1.89 8.39
C LEU C 324 -26.13 2.26 7.91
N LYS C 325 -26.96 1.26 7.63
CA LYS C 325 -28.30 1.55 7.12
C LYS C 325 -29.20 2.14 8.19
N ILE C 326 -28.92 1.89 9.47
CA ILE C 326 -29.79 2.38 10.54
C ILE C 326 -29.81 3.90 10.51
N GLY C 327 -31.02 4.46 10.59
CA GLY C 327 -31.24 5.88 10.43
C GLY C 327 -31.44 6.68 11.70
N SER C 328 -31.40 6.05 12.87
CA SER C 328 -31.61 6.73 14.14
C SER C 328 -30.39 6.52 15.03
N ALA C 329 -29.98 7.57 15.74
CA ALA C 329 -28.81 7.47 16.60
C ALA C 329 -29.04 6.47 17.74
N ILE C 330 -30.23 6.45 18.31
CA ILE C 330 -30.50 5.55 19.44
C ILE C 330 -30.41 4.11 18.99
N GLN C 331 -30.91 3.80 17.79
CA GLN C 331 -30.81 2.44 17.27
C GLN C 331 -29.36 2.04 17.05
N ARG C 332 -28.55 2.95 16.51
CA ARG C 332 -27.13 2.67 16.36
C ARG C 332 -26.49 2.39 17.72
N LEU C 333 -26.82 3.20 18.72
CA LEU C 333 -26.22 3.01 20.03
C LEU C 333 -26.65 1.69 20.65
N ARG C 334 -27.91 1.31 20.50
CA ARG C 334 -28.37 0.02 21.02
C ARG C 334 -27.64 -1.14 20.33
N CYS C 335 -27.60 -1.11 19.00
CA CYS C 335 -26.95 -2.19 18.26
C CYS C 335 -25.47 -2.28 18.62
N GLU C 336 -24.80 -1.13 18.71
CA GLU C 336 -23.40 -1.11 19.10
C GLU C 336 -23.21 -1.65 20.50
N LEU C 337 -24.11 -1.31 21.42
CA LEU C 337 -24.01 -1.83 22.77
C LEU C 337 -24.05 -3.35 22.77
N ASP C 338 -25.03 -3.91 22.05
CA ASP C 338 -25.12 -5.37 21.99
C ASP C 338 -23.88 -5.98 21.38
N ILE C 339 -23.42 -5.43 20.25
CA ILE C 339 -22.27 -6.03 19.58
C ILE C 339 -21.04 -5.96 20.46
N MET C 340 -20.79 -4.81 21.09
CA MET C 340 -19.65 -4.69 21.98
C MET C 340 -19.73 -5.69 23.12
N ASN C 341 -20.91 -5.90 23.67
CA ASN C 341 -21.03 -6.78 24.82
C ASN C 341 -21.30 -8.23 24.45
N LYS C 342 -21.21 -8.60 23.17
CA LYS C 342 -21.20 -10.00 22.81
C LYS C 342 -19.91 -10.44 22.12
N CYS C 343 -19.12 -9.52 21.59
CA CYS C 343 -17.88 -9.92 20.92
C CYS C 343 -16.96 -10.62 21.90
N THR C 344 -16.41 -11.77 21.47
CA THR C 344 -15.55 -12.58 22.32
C THR C 344 -14.07 -12.43 21.95
N SER C 345 -13.72 -12.74 20.71
CA SER C 345 -12.33 -12.73 20.28
C SER C 345 -12.30 -12.71 18.75
N LEU C 346 -11.10 -12.57 18.21
CA LEU C 346 -10.89 -12.50 16.78
C LEU C 346 -10.15 -13.74 16.30
N CYS C 347 -10.51 -14.23 15.12
CA CYS C 347 -9.98 -15.49 14.62
C CYS C 347 -9.54 -15.33 13.17
N CYS C 348 -8.48 -16.05 12.80
CA CYS C 348 -7.97 -16.00 11.43
C CYS C 348 -9.04 -16.40 10.43
N LYS C 349 -9.30 -15.54 9.44
CA LYS C 349 -10.36 -15.82 8.48
C LYS C 349 -10.15 -17.12 7.75
N GLN C 350 -8.89 -17.52 7.55
CA GLN C 350 -8.55 -18.69 6.74
C GLN C 350 -8.32 -19.94 7.58
N CYS C 351 -8.60 -19.88 8.88
CA CYS C 351 -8.62 -21.07 9.72
C CYS C 351 -10.00 -21.41 10.25
N GLN C 352 -10.82 -20.39 10.49
CA GLN C 352 -12.17 -20.55 11.02
C GLN C 352 -12.13 -20.87 12.52
N GLU C 353 -10.93 -21.09 13.08
CA GLU C 353 -10.79 -21.36 14.51
C GLU C 353 -9.31 -21.28 14.87
N THR C 354 -8.87 -20.10 15.34
CA THR C 354 -7.53 -19.91 15.91
C THR C 354 -7.52 -18.58 16.66
N GLU C 355 -7.08 -18.59 17.91
CA GLU C 355 -7.17 -17.38 18.74
C GLU C 355 -5.95 -16.51 18.49
N ILE C 356 -6.16 -15.41 17.78
CA ILE C 356 -5.08 -14.47 17.49
C ILE C 356 -5.10 -13.38 18.56
N THR C 357 -6.30 -12.98 18.97
CA THR C 357 -6.45 -11.90 19.94
C THR C 357 -7.73 -12.15 20.73
N THR C 358 -7.79 -11.57 21.92
CA THR C 358 -8.99 -11.60 22.74
C THR C 358 -9.51 -10.19 22.92
N LYS C 359 -10.77 -10.09 23.33
CA LYS C 359 -11.43 -8.80 23.50
C LYS C 359 -10.61 -7.88 24.39
N ASN C 360 -10.03 -8.41 25.46
CA ASN C 360 -9.35 -7.57 26.44
C ASN C 360 -7.94 -7.19 26.04
N GLU C 361 -7.37 -7.83 25.03
CA GLU C 361 -6.01 -7.51 24.61
C GLU C 361 -5.91 -6.22 23.82
N ILE C 362 -6.98 -5.83 23.13
CA ILE C 362 -6.90 -4.68 22.25
C ILE C 362 -6.74 -3.43 23.09
N PHE C 363 -5.93 -2.48 22.61
CA PHE C 363 -5.76 -1.22 23.32
C PHE C 363 -5.58 -0.11 22.31
N SER C 364 -6.42 0.92 22.43
CA SER C 364 -6.33 2.05 21.52
C SER C 364 -4.94 2.68 21.59
N LEU C 365 -4.45 3.11 20.44
CA LEU C 365 -3.15 3.75 20.36
C LEU C 365 -3.18 5.04 19.55
N SER C 366 -4.32 5.40 18.98
CA SER C 366 -4.49 6.69 18.32
C SER C 366 -5.87 7.25 18.67
N LEU C 367 -6.03 8.55 18.46
CA LEU C 367 -7.33 9.17 18.74
C LEU C 367 -8.45 8.52 17.95
N CYS C 368 -8.17 7.96 16.78
CA CYS C 368 -9.22 7.33 15.99
C CYS C 368 -9.84 6.16 16.74
N GLY C 369 -9.07 5.47 17.57
CA GLY C 369 -9.56 4.36 18.35
C GLY C 369 -8.68 3.14 18.18
N PRO C 370 -9.14 1.99 18.63
CA PRO C 370 -8.36 0.76 18.46
C PRO C 370 -8.01 0.48 17.02
N MET C 371 -8.93 0.77 16.09
CA MET C 371 -8.79 0.38 14.70
C MET C 371 -8.86 1.62 13.81
N ALA C 372 -8.04 1.62 12.77
CA ALA C 372 -8.00 2.75 11.85
C ALA C 372 -7.64 2.24 10.46
N ALA C 373 -7.52 3.17 9.52
CA ALA C 373 -7.22 2.83 8.13
C ALA C 373 -5.84 3.36 7.76
N TYR C 374 -5.01 2.51 7.18
CA TYR C 374 -3.68 2.88 6.71
C TYR C 374 -3.54 2.38 5.28
N VAL C 375 -2.49 2.83 4.61
CA VAL C 375 -2.30 2.56 3.19
C VAL C 375 -0.91 1.97 2.98
N ASN C 376 -0.78 1.21 1.90
CA ASN C 376 0.44 0.52 1.55
C ASN C 376 1.23 1.32 0.54
N PRO C 377 2.52 1.06 0.39
CA PRO C 377 3.28 1.73 -0.68
C PRO C 377 2.76 1.44 -2.07
N HIS C 378 1.92 0.42 -2.24
CA HIS C 378 1.37 0.05 -3.54
C HIS C 378 -0.07 0.52 -3.70
N GLY C 379 -0.58 1.31 -2.77
CA GLY C 379 -1.92 1.87 -2.87
C GLY C 379 -3.02 1.01 -2.28
N TYR C 380 -2.72 -0.22 -1.86
CA TYR C 380 -3.72 -1.04 -1.21
C TYR C 380 -3.96 -0.55 0.22
N VAL C 381 -5.22 -0.62 0.66
CA VAL C 381 -5.63 -0.06 1.94
C VAL C 381 -5.89 -1.19 2.92
N HIS C 382 -5.35 -1.04 4.13
CA HIS C 382 -5.58 -1.99 5.23
C HIS C 382 -6.30 -1.27 6.35
N GLU C 383 -7.14 -2.01 7.07
CA GLU C 383 -7.67 -1.52 8.34
C GLU C 383 -6.92 -2.24 9.45
N THR C 384 -6.16 -1.48 10.23
CA THR C 384 -5.25 -2.03 11.23
C THR C 384 -5.83 -1.84 12.62
N LEU C 385 -5.71 -2.89 13.42
CA LEU C 385 -6.17 -2.94 14.80
C LEU C 385 -4.97 -3.26 15.68
N THR C 386 -4.76 -2.46 16.72
CA THR C 386 -3.57 -2.55 17.54
C THR C 386 -3.87 -3.32 18.82
N VAL C 387 -2.97 -4.23 19.18
CA VAL C 387 -3.13 -5.07 20.38
C VAL C 387 -1.75 -5.33 20.96
N TYR C 388 -1.67 -5.46 22.29
CA TYR C 388 -0.39 -5.72 22.93
C TYR C 388 -0.11 -7.20 23.14
N LYS C 389 -0.92 -8.09 22.58
CA LYS C 389 -0.70 -9.52 22.74
C LYS C 389 -1.27 -10.23 21.52
N ALA C 390 -0.44 -11.03 20.85
CA ALA C 390 -0.86 -11.83 19.72
C ALA C 390 -0.40 -13.27 19.91
N CYS C 391 -1.17 -14.20 19.36
CA CYS C 391 -0.89 -15.62 19.47
C CYS C 391 -1.00 -16.28 18.11
N ASN C 392 -0.27 -17.38 17.95
CA ASN C 392 -0.27 -18.15 16.71
C ASN C 392 0.23 -17.34 15.53
N LEU C 393 1.16 -16.41 15.76
CA LEU C 393 1.75 -15.61 14.70
C LEU C 393 3.25 -15.88 14.63
N ASN C 394 3.79 -15.85 13.41
CA ASN C 394 5.21 -16.09 13.18
C ASN C 394 5.80 -14.92 12.41
N LEU C 395 7.01 -14.54 12.81
CA LEU C 395 7.71 -13.42 12.19
C LEU C 395 8.61 -13.90 11.06
N ILE C 396 8.64 -13.12 9.99
CA ILE C 396 9.50 -13.38 8.84
C ILE C 396 10.32 -12.13 8.58
N GLY C 397 11.63 -12.30 8.45
CA GLY C 397 12.50 -11.18 8.14
C GLY C 397 13.05 -10.50 9.37
N ARG C 398 13.59 -9.32 9.14
CA ARG C 398 14.22 -8.50 10.18
C ARG C 398 13.53 -7.15 10.23
N PRO C 399 13.65 -6.43 11.35
CA PRO C 399 12.94 -5.17 11.49
C PRO C 399 13.31 -4.16 10.40
N SER C 400 12.32 -3.39 9.97
CA SER C 400 12.51 -2.31 9.02
C SER C 400 11.71 -1.10 9.50
N THR C 401 12.06 0.08 8.97
CA THR C 401 11.41 1.29 9.43
C THR C 401 10.94 2.23 8.32
N GLU C 402 11.32 2.01 7.07
CA GLU C 402 10.87 2.90 6.01
C GLU C 402 9.37 2.78 5.83
N HIS C 403 8.72 3.91 5.55
CA HIS C 403 7.28 3.94 5.36
C HIS C 403 6.56 3.26 6.52
N SER C 404 7.02 3.54 7.75
CA SER C 404 6.42 2.94 8.92
C SER C 404 5.18 3.71 9.34
N TRP C 405 4.15 2.98 9.78
CA TRP C 405 2.89 3.59 10.16
C TRP C 405 2.94 4.22 11.55
N PHE C 406 3.81 3.73 12.42
CA PHE C 406 3.93 4.25 13.79
C PHE C 406 5.35 4.76 13.97
N PRO C 407 5.57 6.07 13.83
CA PRO C 407 6.95 6.59 13.84
C PRO C 407 7.68 6.18 15.10
N GLY C 408 8.97 5.87 14.93
CA GLY C 408 9.79 5.38 16.02
C GLY C 408 9.69 3.88 16.24
N TYR C 409 8.90 3.17 15.45
CA TYR C 409 8.71 1.74 15.58
C TYR C 409 9.11 1.04 14.30
N ALA C 410 9.59 -0.20 14.43
CA ALA C 410 10.05 -1.00 13.30
C ALA C 410 9.14 -2.21 13.13
N TRP C 411 8.65 -2.40 11.90
CA TRP C 411 7.64 -3.42 11.63
C TRP C 411 8.28 -4.67 11.04
N THR C 412 7.66 -5.81 11.35
CA THR C 412 8.09 -7.10 10.83
C THR C 412 6.85 -7.92 10.53
N VAL C 413 6.72 -8.35 9.28
CA VAL C 413 5.51 -9.04 8.86
C VAL C 413 5.26 -10.24 9.77
N ALA C 414 3.99 -10.48 10.07
CA ALA C 414 3.58 -11.56 10.96
C ALA C 414 2.49 -12.37 10.26
N GLN C 415 2.72 -13.66 10.14
CA GLN C 415 1.91 -14.55 9.34
C GLN C 415 1.31 -15.62 10.25
N CYS C 416 0.03 -15.93 10.02
CA CYS C 416 -0.62 -16.99 10.75
C CYS C 416 0.21 -18.26 10.61
N LYS C 417 0.79 -18.74 11.71
CA LYS C 417 1.87 -19.71 11.60
C LYS C 417 1.38 -21.11 11.27
N ILE C 418 0.08 -21.38 11.46
CA ILE C 418 -0.48 -22.67 11.14
C ILE C 418 -1.41 -22.53 9.94
N CYS C 419 -1.23 -21.44 9.18
CA CYS C 419 -2.12 -21.13 8.07
C CYS C 419 -1.38 -20.56 6.87
N ALA C 420 -0.16 -20.07 7.09
CA ALA C 420 0.65 -19.46 6.03
C ALA C 420 -0.10 -18.35 5.31
N SER C 421 -0.89 -17.56 6.05
CA SER C 421 -1.63 -16.43 5.49
C SER C 421 -1.19 -15.15 6.19
N HIS C 422 -1.17 -14.05 5.45
CA HIS C 422 -0.65 -12.80 6.00
C HIS C 422 -1.69 -12.12 6.89
N ILE C 423 -1.27 -11.75 8.10
CA ILE C 423 -2.19 -11.16 9.08
C ILE C 423 -1.74 -9.77 9.49
N GLY C 424 -0.54 -9.64 10.09
CA GLY C 424 -0.19 -8.39 10.71
C GLY C 424 1.28 -8.03 10.76
N TRP C 425 1.71 -7.33 11.81
CA TRP C 425 3.09 -6.86 11.91
C TRP C 425 3.51 -6.83 13.37
N LYS C 426 4.79 -6.54 13.59
CA LYS C 426 5.40 -6.57 14.92
C LYS C 426 5.44 -5.20 15.59
N PHE C 427 6.09 -4.22 14.97
CA PHE C 427 6.22 -2.87 15.52
C PHE C 427 6.92 -2.88 16.88
N THR C 428 8.20 -3.24 16.86
CA THR C 428 9.05 -3.09 18.03
C THR C 428 9.68 -1.69 18.07
N ALA C 429 9.58 -1.03 19.22
CA ALA C 429 10.18 0.28 19.35
C ALA C 429 11.70 0.19 19.24
N THR C 430 12.31 1.27 18.75
CA THR C 430 13.75 1.30 18.55
C THR C 430 14.49 1.91 19.75
N LYS C 431 14.00 3.03 20.27
CA LYS C 431 14.61 3.64 21.43
C LYS C 431 14.11 2.99 22.71
N LYS C 432 14.99 2.91 23.71
CA LYS C 432 14.74 2.12 24.91
C LYS C 432 14.21 2.95 26.07
N ASP C 433 13.58 4.08 25.77
CA ASP C 433 12.84 4.84 26.77
C ASP C 433 11.34 4.87 26.49
N MET C 434 10.87 4.04 25.55
CA MET C 434 9.48 4.07 25.10
C MET C 434 8.69 3.01 25.84
N SER C 435 7.53 3.40 26.37
CA SER C 435 6.77 2.49 27.24
C SER C 435 6.38 1.21 26.53
N PRO C 436 5.53 1.22 25.50
CA PRO C 436 5.23 -0.04 24.80
C PRO C 436 6.40 -0.49 23.95
N GLN C 437 7.33 -1.22 24.59
CA GLN C 437 8.49 -1.75 23.88
C GLN C 437 8.11 -2.83 22.88
N LYS C 438 6.84 -3.24 22.85
CA LYS C 438 6.38 -4.31 21.98
C LYS C 438 4.86 -4.23 21.89
N PHE C 439 4.33 -4.16 20.68
CA PHE C 439 2.90 -4.35 20.46
C PHE C 439 2.70 -5.01 19.10
N TRP C 440 1.49 -4.97 18.56
CA TRP C 440 1.19 -5.68 17.32
C TRP C 440 0.08 -4.97 16.58
N GLY C 441 0.15 -5.01 15.25
CA GLY C 441 -0.93 -4.55 14.41
C GLY C 441 -1.50 -5.71 13.60
N LEU C 442 -2.81 -5.77 13.45
CA LEU C 442 -3.48 -6.86 12.77
C LEU C 442 -4.47 -6.30 11.76
N THR C 443 -4.65 -7.01 10.66
CA THR C 443 -5.51 -6.55 9.58
C THR C 443 -6.93 -7.07 9.78
N ARG C 444 -7.89 -6.17 9.93
CA ARG C 444 -9.28 -6.58 10.13
C ARG C 444 -9.79 -7.39 8.96
N SER C 445 -9.37 -7.05 7.74
CA SER C 445 -9.85 -7.77 6.57
C SER C 445 -9.47 -9.24 6.59
N ALA C 446 -8.50 -9.63 7.41
CA ALA C 446 -7.99 -10.99 7.42
C ALA C 446 -8.37 -11.76 8.67
N LEU C 447 -9.22 -11.23 9.54
CA LEU C 447 -9.72 -11.97 10.68
C LEU C 447 -11.17 -11.60 10.91
N LEU C 448 -11.92 -12.53 11.51
CA LEU C 448 -13.34 -12.34 11.71
C LEU C 448 -13.70 -12.50 13.18
N PRO C 449 -14.77 -11.84 13.63
CA PRO C 449 -15.20 -12.02 15.02
C PRO C 449 -15.71 -13.43 15.27
N THR C 450 -15.63 -13.86 16.52
CA THR C 450 -16.18 -15.13 16.95
C THR C 450 -16.99 -14.93 18.21
N ILE C 451 -17.88 -15.88 18.49
CA ILE C 451 -18.79 -15.78 19.62
C ILE C 451 -18.91 -17.10 20.34
#